data_1YAX
#
_entry.id   1YAX
#
_cell.length_a   118.078
_cell.length_b   134.871
_cell.length_c   58.444
_cell.angle_alpha   90.00
_cell.angle_beta   119.61
_cell.angle_gamma   90.00
#
_symmetry.space_group_name_H-M   'C 1 2 1'
#
loop_
_entity.id
_entity.type
_entity.pdbx_description
1 polymer 'Virulence sensor protein phoQ, sensor domain'
2 non-polymer 'CALCIUM ION'
3 water water
#
_entity_poly.entity_id   1
_entity_poly.type   'polypeptide(L)'
_entity_poly.pdbx_seq_one_letter_code
;MDKTTFRLLRGESNLFYTLAKWENNKISVELPENLDMQSPTMTLIYDETGKLLWTQRNIPWLIKSIQPEWLKTNGFHEIE
TNVDATSTLLSEDHSAQEKLKEVREDDDDAEMTHSVAVNIYPATARMPQLTIVVVDTIPIELKRSYMHHHHHH
;
_entity_poly.pdbx_strand_id   A,B,C,D
#
loop_
_chem_comp.id
_chem_comp.type
_chem_comp.name
_chem_comp.formula
CA non-polymer 'CALCIUM ION' 'Ca 2'
#
# COMPACT_ATOMS: atom_id res chain seq x y z
N MET A 1 28.62 -3.82 3.62
CA MET A 1 28.64 -4.25 2.18
C MET A 1 30.06 -4.46 1.68
N ASP A 2 30.17 -5.02 0.48
CA ASP A 2 31.44 -5.16 -0.21
C ASP A 2 32.09 -3.77 -0.34
N LYS A 3 33.37 -3.67 0.01
CA LYS A 3 34.06 -2.38 0.06
C LYS A 3 34.50 -1.93 -1.31
N THR A 4 34.89 -2.86 -2.17
CA THR A 4 35.30 -2.51 -3.52
C THR A 4 34.13 -1.91 -4.30
N THR A 5 32.94 -2.46 -4.09
CA THR A 5 31.71 -2.01 -4.69
C THR A 5 31.37 -0.58 -4.26
N PHE A 6 31.40 -0.32 -2.96
CA PHE A 6 31.18 1.03 -2.45
C PHE A 6 32.13 2.02 -3.10
N ARG A 7 33.43 1.68 -3.19
CA ARG A 7 34.42 2.59 -3.75
C ARG A 7 34.08 2.87 -5.20
N LEU A 8 33.74 1.83 -5.95
CA LEU A 8 33.54 1.94 -7.39
C LEU A 8 32.31 2.78 -7.76
N LEU A 9 31.18 2.50 -7.12
CA LEU A 9 29.92 3.14 -7.41
C LEU A 9 29.89 4.56 -6.86
N ARG A 10 30.28 4.75 -5.60
CA ARG A 10 30.35 6.11 -5.05
C ARG A 10 31.36 6.98 -5.79
N GLY A 11 32.52 6.42 -6.12
CA GLY A 11 33.54 7.14 -6.85
C GLY A 11 33.01 7.62 -8.20
N GLU A 12 32.30 6.73 -8.88
CA GLU A 12 31.77 7.04 -10.19
C GLU A 12 30.69 8.12 -10.08
N SER A 13 29.85 8.02 -9.05
CA SER A 13 28.79 9.01 -8.79
C SER A 13 29.37 10.42 -8.58
N ASN A 14 30.43 10.47 -7.78
CA ASN A 14 31.07 11.72 -7.44
C ASN A 14 31.71 12.32 -8.67
N LEU A 15 32.27 11.45 -9.48
CA LEU A 15 32.98 11.83 -10.70
C LEU A 15 32.01 12.45 -11.69
N PHE A 16 30.86 11.83 -11.83
CA PHE A 16 29.85 12.38 -12.71
C PHE A 16 29.36 13.71 -12.20
N TYR A 17 29.26 13.84 -10.88
CA TYR A 17 28.86 15.09 -10.29
C TYR A 17 29.82 16.21 -10.74
N THR A 18 31.12 15.93 -10.68
CA THR A 18 32.13 16.93 -11.09
C THR A 18 32.13 17.26 -12.59
N LEU A 19 31.56 16.37 -13.41
CA LEU A 19 31.54 16.56 -14.85
C LEU A 19 30.20 17.10 -15.33
N ALA A 20 29.24 17.23 -14.43
CA ALA A 20 27.94 17.74 -14.83
C ALA A 20 27.97 19.27 -14.82
N LYS A 21 27.33 19.87 -15.82
CA LYS A 21 27.10 21.30 -15.92
C LYS A 21 25.61 21.53 -16.11
N TRP A 22 25.14 22.69 -15.66
CA TRP A 22 23.72 23.05 -15.77
C TRP A 22 23.61 24.34 -16.57
N GLU A 23 23.17 24.22 -17.82
CA GLU A 23 23.00 25.37 -18.70
C GLU A 23 21.70 25.25 -19.49
N ASN A 24 21.01 26.38 -19.66
CA ASN A 24 19.74 26.45 -20.39
C ASN A 24 18.72 25.48 -19.78
N ASN A 25 18.67 25.47 -18.46
CA ASN A 25 17.83 24.55 -17.72
C ASN A 25 17.90 23.13 -18.29
N LYS A 26 19.12 22.61 -18.33
CA LYS A 26 19.39 21.30 -18.90
C LYS A 26 20.76 20.78 -18.43
N ILE A 27 20.84 19.49 -18.13
CA ILE A 27 22.10 18.92 -17.70
C ILE A 27 22.89 18.35 -18.88
N SER A 28 24.19 18.62 -18.90
CA SER A 28 25.13 17.94 -19.78
C SER A 28 26.34 17.45 -18.98
N VAL A 29 27.07 16.50 -19.54
CA VAL A 29 28.19 15.88 -18.86
C VAL A 29 29.40 16.01 -19.75
N GLU A 30 30.51 16.44 -19.17
CA GLU A 30 31.76 16.53 -19.91
C GLU A 30 32.42 15.16 -19.96
N LEU A 31 32.95 14.80 -21.13
CA LEU A 31 33.88 13.69 -21.29
C LEU A 31 35.29 14.20 -20.97
N PRO A 32 35.91 13.73 -19.90
CA PRO A 32 37.22 14.24 -19.52
C PRO A 32 38.37 13.66 -20.33
N GLU A 33 39.43 14.45 -20.50
CA GLU A 33 40.69 13.96 -21.03
C GLU A 33 41.25 12.82 -20.18
N ASN A 34 42.21 12.11 -20.75
CA ASN A 34 43.05 11.17 -20.03
C ASN A 34 42.32 10.19 -19.11
N LEU A 35 41.15 9.71 -19.54
CA LEU A 35 40.38 8.72 -18.78
C LEU A 35 40.73 7.30 -19.29
N ASP A 36 41.46 6.54 -18.47
CA ASP A 36 42.28 5.41 -18.96
C ASP A 36 41.53 4.10 -19.26
N MET A 37 40.41 3.87 -18.58
CA MET A 37 39.57 2.70 -18.87
C MET A 37 38.10 3.10 -18.80
N GLN A 38 37.23 2.35 -19.48
CA GLN A 38 35.80 2.57 -19.35
C GLN A 38 35.25 1.80 -18.13
N SER A 39 34.78 2.55 -17.14
CA SER A 39 34.16 2.00 -15.94
C SER A 39 33.04 0.99 -16.30
N PRO A 40 32.95 -0.12 -15.55
CA PRO A 40 31.88 -1.10 -15.80
C PRO A 40 30.68 -0.68 -14.94
N THR A 41 30.07 0.44 -15.34
CA THR A 41 28.98 1.10 -14.64
C THR A 41 28.12 1.87 -15.62
N MET A 42 26.89 2.12 -15.21
CA MET A 42 25.93 2.89 -15.99
C MET A 42 25.35 3.93 -15.04
N THR A 43 25.44 5.20 -15.40
CA THR A 43 24.99 6.29 -14.54
C THR A 43 23.71 6.96 -15.07
N LEU A 44 22.80 7.25 -14.15
CA LEU A 44 21.59 8.02 -14.38
C LEU A 44 21.65 9.27 -13.51
N ILE A 45 21.07 10.36 -13.99
CA ILE A 45 20.97 11.61 -13.24
C ILE A 45 19.50 12.05 -13.15
N TYR A 46 19.02 12.33 -11.94
CA TYR A 46 17.64 12.76 -11.69
C TYR A 46 17.58 14.10 -10.99
N ASP A 47 16.48 14.84 -11.18
CA ASP A 47 16.21 16.05 -10.40
C ASP A 47 15.40 15.69 -9.15
N GLU A 48 15.11 16.70 -8.32
CA GLU A 48 14.41 16.49 -7.06
C GLU A 48 13.04 15.81 -7.22
N THR A 49 12.43 15.98 -8.39
CA THR A 49 11.11 15.41 -8.69
C THR A 49 11.11 13.90 -8.95
N GLY A 50 12.24 13.36 -9.41
CA GLY A 50 12.32 11.98 -9.86
C GLY A 50 12.36 11.86 -11.38
N LYS A 51 12.33 13.01 -12.05
CA LYS A 51 12.47 13.07 -13.50
C LYS A 51 13.90 12.73 -13.94
N LEU A 52 14.01 11.79 -14.86
CA LEU A 52 15.28 11.46 -15.49
C LEU A 52 15.74 12.67 -16.32
N LEU A 53 16.93 13.17 -16.02
CA LEU A 53 17.54 14.33 -16.67
C LEU A 53 18.65 13.96 -17.65
N TRP A 54 19.35 12.87 -17.34
CA TRP A 54 20.48 12.40 -18.13
C TRP A 54 20.67 10.91 -17.89
N THR A 55 20.86 10.16 -18.96
CA THR A 55 21.07 8.73 -18.87
C THR A 55 22.22 8.33 -19.78
N GLN A 56 23.12 7.52 -19.26
CA GLN A 56 24.35 7.21 -19.96
C GLN A 56 24.10 6.28 -21.15
N ARG A 57 23.19 5.32 -20.96
CA ARG A 57 22.77 4.37 -22.01
C ARG A 57 21.27 4.14 -21.92
N ASN A 58 20.61 4.06 -23.07
CA ASN A 58 19.16 3.88 -23.11
C ASN A 58 18.76 2.41 -22.91
N ILE A 59 18.79 1.95 -21.66
CA ILE A 59 18.26 0.64 -21.31
C ILE A 59 16.88 0.86 -20.71
N PRO A 60 15.81 0.69 -21.48
CA PRO A 60 14.47 0.98 -20.94
C PRO A 60 14.04 0.06 -19.78
N TRP A 61 14.52 -1.19 -19.75
CA TRP A 61 14.14 -2.11 -18.68
C TRP A 61 14.77 -1.75 -17.35
N LEU A 62 16.02 -1.30 -17.40
CA LEU A 62 16.80 -0.95 -16.21
C LEU A 62 16.32 0.36 -15.55
N ILE A 63 16.04 1.36 -16.38
CA ILE A 63 15.49 2.63 -15.91
C ILE A 63 14.20 2.41 -15.11
N LYS A 64 13.37 1.46 -15.56
CA LYS A 64 12.15 1.06 -14.85
C LYS A 64 12.42 0.26 -13.57
N SER A 65 13.52 -0.47 -13.51
CA SER A 65 13.94 -1.20 -12.30
C SER A 65 14.28 -0.26 -11.14
N ILE A 66 14.63 0.97 -11.46
CA ILE A 66 14.98 1.95 -10.44
C ILE A 66 13.70 2.50 -9.83
N GLN A 67 13.49 2.18 -8.56
CA GLN A 67 12.23 2.49 -7.90
C GLN A 67 12.25 3.92 -7.43
N PRO A 68 11.13 4.64 -7.61
CA PRO A 68 10.98 6.00 -7.09
C PRO A 68 11.37 6.17 -5.61
N GLU A 69 11.01 5.21 -4.77
CA GLU A 69 11.36 5.24 -3.34
C GLU A 69 12.87 5.33 -3.10
N TRP A 70 13.64 4.69 -3.98
CA TRP A 70 15.10 4.68 -3.86
C TRP A 70 15.69 6.08 -3.96
N LEU A 71 15.09 6.88 -4.83
CA LEU A 71 15.62 8.21 -5.17
C LEU A 71 15.54 9.25 -4.05
N LYS A 72 14.80 8.94 -2.99
CA LYS A 72 14.57 9.89 -1.89
C LYS A 72 15.62 9.83 -0.77
N THR A 73 16.53 8.87 -0.80
CA THR A 73 17.58 8.79 0.21
C THR A 73 18.90 8.34 -0.38
N ASN A 74 19.99 8.63 0.32
CA ASN A 74 21.27 8.03 -0.04
C ASN A 74 21.28 6.57 0.41
N GLY A 75 21.35 5.64 -0.55
CA GLY A 75 21.41 4.23 -0.19
C GLY A 75 21.92 3.27 -1.24
N PHE A 76 21.90 1.99 -0.90
CA PHE A 76 22.33 0.93 -1.81
C PHE A 76 21.22 -0.09 -1.98
N HIS A 77 21.07 -0.57 -3.21
CA HIS A 77 20.04 -1.53 -3.55
C HIS A 77 20.56 -2.54 -4.57
N GLU A 78 19.70 -3.47 -4.95
CA GLU A 78 20.02 -4.48 -5.95
C GLU A 78 18.85 -4.72 -6.87
N ILE A 79 19.15 -5.01 -8.14
CA ILE A 79 18.13 -5.39 -9.10
C ILE A 79 18.41 -6.81 -9.51
N GLU A 80 17.42 -7.67 -9.34
CA GLU A 80 17.51 -9.04 -9.79
C GLU A 80 16.97 -9.11 -11.21
N THR A 81 17.68 -9.81 -12.07
CA THR A 81 17.32 -9.89 -13.47
C THR A 81 17.79 -11.23 -14.02
N ASN A 82 17.74 -11.43 -15.33
CA ASN A 82 18.20 -12.68 -15.96
C ASN A 82 19.43 -12.44 -16.84
N VAL A 83 19.98 -13.52 -17.39
CA VAL A 83 21.22 -13.46 -18.17
C VAL A 83 21.09 -12.68 -19.47
N ASP A 84 19.96 -12.79 -20.16
CA ASP A 84 19.74 -12.01 -21.40
C ASP A 84 19.73 -10.50 -21.14
N ALA A 85 19.24 -10.08 -19.98
CA ALA A 85 19.18 -8.66 -19.62
C ALA A 85 20.54 -8.11 -19.16
N THR A 86 21.32 -8.94 -18.51
CA THR A 86 22.68 -8.55 -18.12
C THR A 86 23.57 -8.37 -19.34
N SER A 87 23.40 -9.20 -20.37
CA SER A 87 24.19 -9.06 -21.59
C SER A 87 23.88 -7.74 -22.31
N THR A 88 22.64 -7.28 -22.18
CA THR A 88 22.25 -5.94 -22.60
C THR A 88 23.15 -4.83 -22.02
N LEU A 89 23.50 -4.93 -20.73
CA LEU A 89 24.22 -3.87 -20.02
C LEU A 89 25.72 -3.76 -20.32
N LEU A 90 26.30 -4.79 -20.93
CA LEU A 90 27.72 -4.86 -21.20
C LEU A 90 27.98 -4.69 -22.69
N SER A 91 29.16 -4.20 -23.04
CA SER A 91 29.54 -4.10 -24.45
C SER A 91 29.68 -5.50 -25.03
N GLU A 92 29.32 -5.67 -26.29
CA GLU A 92 29.40 -6.97 -26.95
C GLU A 92 30.81 -7.58 -26.90
N ASP A 93 31.83 -6.75 -26.73
CA ASP A 93 33.22 -7.20 -26.77
C ASP A 93 33.86 -7.36 -25.38
N HIS A 94 33.14 -7.00 -24.32
CA HIS A 94 33.60 -7.23 -22.96
C HIS A 94 33.67 -8.73 -22.65
N SER A 95 34.72 -9.11 -21.92
CA SER A 95 35.06 -10.52 -21.71
C SER A 95 34.14 -11.27 -20.75
N ALA A 96 33.27 -10.56 -20.05
CA ALA A 96 32.24 -11.19 -19.21
C ALA A 96 31.06 -11.71 -20.03
N GLN A 97 30.91 -11.22 -21.26
CA GLN A 97 29.94 -11.78 -22.21
C GLN A 97 30.15 -13.28 -22.44
N GLU A 98 31.41 -13.72 -22.40
CA GLU A 98 31.75 -15.14 -22.57
C GLU A 98 31.44 -15.89 -21.29
N LYS A 99 31.64 -15.25 -20.14
CA LYS A 99 31.20 -15.83 -18.87
C LYS A 99 29.67 -16.02 -18.87
N LEU A 100 28.92 -15.04 -19.37
CA LEU A 100 27.46 -15.12 -19.47
C LEU A 100 26.99 -16.16 -20.48
N LYS A 101 27.81 -16.44 -21.49
CA LYS A 101 27.51 -17.49 -22.47
C LYS A 101 27.58 -18.87 -21.80
N GLU A 102 28.59 -19.05 -20.94
CA GLU A 102 28.76 -20.28 -20.18
C GLU A 102 27.70 -20.47 -19.09
N VAL A 103 27.17 -19.38 -18.55
CA VAL A 103 26.08 -19.46 -17.58
C VAL A 103 24.80 -19.86 -18.29
N ARG A 104 24.61 -19.32 -19.50
CA ARG A 104 23.42 -19.61 -20.30
C ARG A 104 23.26 -21.11 -20.55
N GLU A 105 24.37 -21.79 -20.86
CA GLU A 105 24.32 -23.23 -21.18
C GLU A 105 24.23 -24.12 -19.93
N ASP A 106 24.86 -23.71 -18.84
CA ASP A 106 24.76 -24.44 -17.57
C ASP A 106 23.35 -24.37 -16.97
N ASP A 107 22.68 -23.22 -17.15
CA ASP A 107 21.35 -22.95 -16.58
C ASP A 107 20.81 -21.59 -17.06
N ASP A 108 19.96 -21.58 -18.08
CA ASP A 108 19.47 -20.29 -18.62
C ASP A 108 18.40 -19.60 -17.74
N ASP A 109 17.89 -20.30 -16.72
CA ASP A 109 17.10 -19.64 -15.66
C ASP A 109 18.00 -19.07 -14.53
N ALA A 110 19.24 -18.73 -14.86
CA ALA A 110 20.18 -18.21 -13.85
C ALA A 110 19.83 -16.76 -13.57
N GLU A 111 19.70 -16.43 -12.29
CA GLU A 111 19.42 -15.05 -11.90
C GLU A 111 20.73 -14.26 -11.68
N MET A 112 20.72 -13.02 -12.15
CA MET A 112 21.86 -12.12 -11.98
C MET A 112 21.43 -10.90 -11.15
N THR A 113 22.34 -10.43 -10.31
CA THR A 113 22.05 -9.35 -9.39
C THR A 113 23.02 -8.19 -9.63
N HIS A 114 22.48 -6.99 -9.83
CA HIS A 114 23.32 -5.80 -10.02
C HIS A 114 23.15 -4.84 -8.86
N SER A 115 24.27 -4.38 -8.32
CA SER A 115 24.29 -3.37 -7.27
C SER A 115 23.91 -2.00 -7.83
N VAL A 116 23.30 -1.17 -7.02
CA VAL A 116 22.82 0.13 -7.45
C VAL A 116 23.06 1.11 -6.32
N ALA A 117 23.76 2.22 -6.58
CA ALA A 117 24.02 3.21 -5.55
C ALA A 117 23.32 4.54 -5.89
N VAL A 118 22.63 5.11 -4.90
CA VAL A 118 21.99 6.41 -5.00
C VAL A 118 22.72 7.42 -4.11
N ASN A 119 23.10 8.55 -4.67
CA ASN A 119 23.67 9.65 -3.88
C ASN A 119 23.08 11.00 -4.26
N ILE A 120 22.81 11.84 -3.27
CA ILE A 120 22.19 13.13 -3.49
C ILE A 120 23.20 14.24 -3.24
N TYR A 121 23.27 15.17 -4.17
CA TYR A 121 24.20 16.29 -4.12
C TYR A 121 23.34 17.54 -3.97
N PRO A 122 23.30 18.11 -2.77
CA PRO A 122 22.51 19.32 -2.48
C PRO A 122 22.71 20.45 -3.46
N ALA A 123 21.65 21.24 -3.67
CA ALA A 123 21.69 22.37 -4.57
C ALA A 123 22.73 23.38 -4.11
N THR A 124 23.38 23.99 -5.07
CA THR A 124 24.50 24.90 -4.88
C THR A 124 24.21 26.14 -5.76
N ALA A 125 24.95 27.23 -5.59
CA ALA A 125 24.62 28.48 -6.29
C ALA A 125 24.24 28.28 -7.77
N ARG A 126 25.04 27.49 -8.51
CA ARG A 126 24.87 27.35 -9.95
C ARG A 126 24.55 25.92 -10.38
N MET A 127 23.75 25.21 -9.56
CA MET A 127 23.38 23.83 -9.84
C MET A 127 22.28 23.39 -8.87
N PRO A 128 21.20 22.81 -9.37
CA PRO A 128 20.13 22.31 -8.50
C PRO A 128 20.46 20.95 -7.87
N GLN A 129 19.61 20.47 -6.97
CA GLN A 129 19.80 19.16 -6.34
C GLN A 129 19.86 18.02 -7.36
N LEU A 130 21.01 17.34 -7.43
CA LEU A 130 21.21 16.26 -8.39
C LEU A 130 21.18 14.96 -7.64
N THR A 131 20.39 14.01 -8.10
CA THR A 131 20.37 12.66 -7.54
C THR A 131 20.95 11.70 -8.57
N ILE A 132 22.09 11.10 -8.24
CA ILE A 132 22.84 10.27 -9.18
C ILE A 132 22.78 8.81 -8.79
N VAL A 133 22.41 7.97 -9.74
CA VAL A 133 22.26 6.55 -9.58
C VAL A 133 23.27 5.86 -10.46
N VAL A 134 24.17 5.07 -9.85
CA VAL A 134 25.16 4.32 -10.60
C VAL A 134 24.90 2.81 -10.43
N VAL A 135 24.70 2.13 -11.55
CA VAL A 135 24.55 0.69 -11.58
C VAL A 135 25.84 -0.02 -11.96
N ASP A 136 26.30 -0.95 -11.14
CA ASP A 136 27.37 -1.88 -11.50
C ASP A 136 26.87 -2.89 -12.58
N THR A 137 27.51 -2.91 -13.75
CA THR A 137 27.04 -3.72 -14.90
C THR A 137 27.49 -5.19 -14.89
N ILE A 138 28.52 -5.51 -14.11
CA ILE A 138 28.93 -6.89 -13.89
C ILE A 138 28.16 -7.40 -12.68
N PRO A 139 27.39 -8.48 -12.86
CA PRO A 139 26.54 -8.96 -11.76
C PRO A 139 27.39 -9.61 -10.69
N ILE A 140 26.93 -9.58 -9.44
CA ILE A 140 27.68 -10.10 -8.31
C ILE A 140 28.04 -11.58 -8.53
N GLU A 141 27.14 -12.32 -9.15
CA GLU A 141 27.30 -13.74 -9.40
C GLU A 141 28.54 -14.10 -10.20
N LEU A 142 29.05 -13.14 -10.99
CA LEU A 142 30.25 -13.33 -11.80
C LEU A 142 31.46 -12.55 -11.32
N LYS A 143 31.43 -11.96 -10.14
CA LYS A 143 32.58 -11.19 -9.67
C LYS A 143 33.84 -12.04 -9.65
N ARG A 144 33.73 -13.24 -9.07
CA ARG A 144 34.88 -14.03 -8.70
C ARG A 144 35.23 -15.03 -9.77
N SER A 145 36.51 -15.38 -9.83
CA SER A 145 37.03 -16.31 -10.84
C SER A 145 36.98 -17.76 -10.34
N TYR A 146 36.71 -17.95 -9.06
CA TYR A 146 36.54 -19.28 -8.48
C TYR A 146 35.71 -19.25 -7.21
N MET A 147 35.29 -20.43 -6.76
CA MET A 147 34.55 -20.59 -5.52
C MET A 147 35.35 -21.49 -4.58
N HIS A 148 35.57 -21.01 -3.36
CA HIS A 148 36.32 -21.76 -2.35
C HIS A 148 35.66 -23.11 -2.12
N HIS A 149 36.45 -24.14 -1.85
CA HIS A 149 35.87 -25.43 -1.49
C HIS A 149 36.40 -25.87 -0.11
N HIS A 150 35.51 -26.32 0.77
CA HIS A 150 35.88 -26.62 2.16
C HIS A 150 36.42 -28.04 2.29
N HIS A 151 37.75 -28.11 2.36
CA HIS A 151 38.48 -29.34 2.47
C HIS A 151 38.98 -29.49 3.90
N HIS A 152 38.84 -30.70 4.45
CA HIS A 152 39.36 -31.05 5.79
C HIS A 152 40.41 -32.15 5.66
N HIS A 153 41.51 -32.05 6.41
CA HIS A 153 42.55 -33.09 6.41
C HIS A 153 43.02 -33.40 7.83
N ASP B 2 -32.93 10.26 -10.40
CA ASP B 2 -34.00 10.97 -11.15
C ASP B 2 -33.91 10.61 -12.62
N LYS B 3 -35.04 10.67 -13.32
CA LYS B 3 -35.07 10.36 -14.75
C LYS B 3 -34.35 11.45 -15.57
N THR B 4 -34.63 12.71 -15.25
CA THR B 4 -34.08 13.85 -16.00
C THR B 4 -32.56 13.98 -15.84
N THR B 5 -32.07 13.64 -14.65
CA THR B 5 -30.65 13.75 -14.32
C THR B 5 -29.85 12.65 -15.00
N PHE B 6 -30.50 11.51 -15.21
CA PHE B 6 -29.86 10.38 -15.87
C PHE B 6 -29.69 10.67 -17.35
N ARG B 7 -30.77 11.08 -18.00
CA ARG B 7 -30.71 11.49 -19.39
C ARG B 7 -29.60 12.51 -19.61
N LEU B 8 -29.39 13.40 -18.65
CA LEU B 8 -28.43 14.48 -18.81
C LEU B 8 -27.00 13.98 -18.74
N LEU B 9 -26.72 13.10 -17.78
CA LEU B 9 -25.34 12.68 -17.49
C LEU B 9 -24.88 11.56 -18.42
N ARG B 10 -25.81 10.66 -18.76
CA ARG B 10 -25.57 9.57 -19.72
C ARG B 10 -25.44 10.06 -21.15
N GLY B 11 -26.34 10.94 -21.58
CA GLY B 11 -26.26 11.54 -22.91
C GLY B 11 -24.93 12.25 -23.07
N GLU B 12 -24.54 12.98 -22.04
CA GLU B 12 -23.25 13.68 -22.03
C GLU B 12 -22.07 12.69 -22.13
N SER B 13 -22.19 11.56 -21.46
CA SER B 13 -21.14 10.53 -21.47
C SER B 13 -21.03 9.85 -22.86
N ASN B 14 -22.16 9.68 -23.53
CA ASN B 14 -22.22 9.10 -24.87
C ASN B 14 -21.65 10.05 -25.91
N LEU B 15 -21.88 11.33 -25.71
CA LEU B 15 -21.40 12.40 -26.59
C LEU B 15 -19.88 12.41 -26.62
N PHE B 16 -19.26 12.24 -25.45
CA PHE B 16 -17.80 12.16 -25.36
C PHE B 16 -17.23 10.82 -25.84
N TYR B 17 -18.05 9.77 -25.81
CA TYR B 17 -17.65 8.51 -26.41
C TYR B 17 -17.55 8.68 -27.93
N THR B 18 -18.45 9.45 -28.53
CA THR B 18 -18.41 9.74 -29.96
C THR B 18 -17.20 10.59 -30.34
N LEU B 19 -16.87 11.54 -29.48
CA LEU B 19 -15.79 12.50 -29.73
C LEU B 19 -14.40 11.91 -29.44
N ALA B 20 -14.34 10.81 -28.70
CA ALA B 20 -13.07 10.21 -28.32
C ALA B 20 -12.47 9.41 -29.49
N LYS B 21 -11.18 9.60 -29.74
CA LYS B 21 -10.48 8.90 -30.82
C LYS B 21 -9.17 8.31 -30.30
N TRP B 22 -8.98 7.01 -30.53
CA TRP B 22 -7.78 6.30 -30.10
C TRP B 22 -6.78 6.27 -31.25
N GLU B 23 -5.67 6.99 -31.09
CA GLU B 23 -4.64 7.07 -32.11
C GLU B 23 -3.23 7.15 -31.50
N ASN B 24 -2.32 6.35 -32.06
CA ASN B 24 -0.95 6.22 -31.54
C ASN B 24 -0.92 5.70 -30.09
N ASN B 25 -1.86 4.81 -29.78
CA ASN B 25 -2.00 4.21 -28.44
C ASN B 25 -2.14 5.27 -27.33
N LYS B 26 -3.11 6.17 -27.49
CA LYS B 26 -3.34 7.27 -26.56
C LYS B 26 -4.62 8.02 -26.93
N ILE B 27 -5.44 8.33 -25.93
CA ILE B 27 -6.75 8.94 -26.18
C ILE B 27 -6.62 10.40 -26.65
N SER B 28 -7.63 10.86 -27.39
CA SER B 28 -7.64 12.22 -27.95
C SER B 28 -9.07 12.72 -28.16
N VAL B 29 -9.59 13.45 -27.18
CA VAL B 29 -10.90 14.08 -27.27
C VAL B 29 -10.76 15.51 -27.77
N GLU B 30 -11.76 15.98 -28.52
CA GLU B 30 -11.73 17.33 -29.11
C GLU B 30 -13.13 17.95 -29.22
N LEU B 31 -13.21 19.25 -28.92
CA LEU B 31 -14.50 19.95 -28.94
C LEU B 31 -14.30 21.46 -29.14
N PRO B 40 -23.82 21.87 -18.10
CA PRO B 40 -23.25 22.11 -16.74
C PRO B 40 -22.73 20.81 -16.16
N THR B 41 -21.74 20.22 -16.82
CA THR B 41 -21.12 18.96 -16.42
C THR B 41 -19.62 19.01 -16.63
N MET B 42 -18.91 18.09 -15.97
CA MET B 42 -17.50 17.83 -16.25
C MET B 42 -17.28 16.33 -16.44
N THR B 43 -16.58 15.96 -17.51
CA THR B 43 -16.40 14.56 -17.88
C THR B 43 -14.93 14.13 -17.78
N LEU B 44 -14.70 12.98 -17.13
CA LEU B 44 -13.39 12.34 -17.10
C LEU B 44 -13.46 10.98 -17.78
N ILE B 45 -12.34 10.59 -18.40
CA ILE B 45 -12.26 9.30 -19.07
C ILE B 45 -11.10 8.49 -18.49
N TYR B 46 -11.37 7.22 -18.21
CA TYR B 46 -10.41 6.28 -17.66
C TYR B 46 -10.25 5.06 -18.58
N ASP B 47 -9.24 4.23 -18.26
CA ASP B 47 -9.04 2.94 -18.93
C ASP B 47 -9.39 1.78 -17.98
N GLU B 48 -9.14 0.56 -18.44
CA GLU B 48 -9.61 -0.65 -17.75
C GLU B 48 -8.85 -0.95 -16.45
N THR B 49 -7.63 -0.44 -16.32
CA THR B 49 -6.85 -0.57 -15.07
C THR B 49 -7.33 0.41 -13.99
N GLY B 50 -8.04 1.45 -14.42
CA GLY B 50 -8.50 2.51 -13.54
C GLY B 50 -7.69 3.81 -13.61
N LYS B 51 -6.68 3.86 -14.49
CA LYS B 51 -5.88 5.07 -14.70
C LYS B 51 -6.67 6.14 -15.46
N LEU B 52 -6.26 7.40 -15.35
CA LEU B 52 -7.00 8.54 -15.93
C LEU B 52 -6.34 9.01 -17.22
N LEU B 53 -7.05 8.86 -18.34
CA LEU B 53 -6.53 9.18 -19.67
C LEU B 53 -6.81 10.61 -20.16
N TRP B 54 -7.91 11.22 -19.71
CA TRP B 54 -8.33 12.55 -20.16
C TRP B 54 -9.39 13.17 -19.25
N THR B 55 -9.21 14.44 -18.91
CA THR B 55 -10.17 15.17 -18.07
C THR B 55 -10.58 16.50 -18.73
N GLN B 56 -11.85 16.86 -18.57
CA GLN B 56 -12.40 18.07 -19.18
C GLN B 56 -11.88 19.35 -18.49
N ARG B 57 -11.46 19.21 -17.23
CA ARG B 57 -10.84 20.30 -16.48
C ARG B 57 -10.03 19.73 -15.30
N ASN B 58 -8.84 20.27 -15.06
CA ASN B 58 -7.95 19.75 -14.02
C ASN B 58 -8.31 20.25 -12.61
N ILE B 59 -9.19 19.51 -11.95
CA ILE B 59 -9.65 19.81 -10.60
C ILE B 59 -9.27 18.65 -9.68
N PRO B 60 -8.18 18.80 -8.91
CA PRO B 60 -7.62 17.67 -8.15
C PRO B 60 -8.54 17.09 -7.08
N TRP B 61 -9.40 17.90 -6.47
CA TRP B 61 -10.35 17.37 -5.48
C TRP B 61 -11.46 16.51 -6.10
N LEU B 62 -11.91 16.89 -7.30
CA LEU B 62 -12.97 16.14 -7.98
C LEU B 62 -12.47 14.74 -8.35
N ILE B 63 -11.32 14.71 -9.00
CA ILE B 63 -10.62 13.49 -9.37
C ILE B 63 -10.54 12.48 -8.22
N LYS B 64 -10.09 12.95 -7.05
CA LYS B 64 -9.86 12.08 -5.90
C LYS B 64 -11.16 11.48 -5.36
N SER B 65 -12.23 12.32 -5.35
CA SER B 65 -13.52 11.92 -4.77
C SER B 65 -14.17 10.76 -5.52
N ILE B 66 -13.77 10.59 -6.81
CA ILE B 66 -14.24 9.47 -7.64
C ILE B 66 -13.60 8.17 -7.15
N GLN B 67 -14.32 7.42 -6.32
CA GLN B 67 -13.76 6.19 -5.76
C GLN B 67 -13.47 5.21 -6.89
N PRO B 68 -12.28 4.60 -6.90
CA PRO B 68 -11.89 3.71 -7.99
C PRO B 68 -12.75 2.44 -8.14
N GLU B 69 -13.45 2.03 -7.07
CA GLU B 69 -14.40 0.92 -7.13
C GLU B 69 -15.58 1.26 -8.04
N TRP B 70 -15.99 2.53 -8.04
CA TRP B 70 -17.09 3.01 -8.87
C TRP B 70 -16.88 2.71 -10.36
N LEU B 71 -15.61 2.60 -10.79
CA LEU B 71 -15.26 2.45 -12.21
C LEU B 71 -15.45 1.03 -12.74
N LYS B 72 -15.36 0.03 -11.87
CA LYS B 72 -15.59 -1.36 -12.27
C LYS B 72 -17.02 -1.63 -12.78
N THR B 73 -17.99 -0.76 -12.46
CA THR B 73 -19.39 -0.94 -12.87
C THR B 73 -20.04 0.30 -13.46
N ASN B 74 -21.09 0.11 -14.27
CA ASN B 74 -22.02 1.19 -14.59
C ASN B 74 -22.79 1.50 -13.32
N GLY B 75 -22.86 2.77 -12.94
CA GLY B 75 -23.60 3.11 -11.73
C GLY B 75 -23.68 4.60 -11.46
N PHE B 76 -24.62 4.96 -10.60
CA PHE B 76 -24.89 6.34 -10.24
C PHE B 76 -24.51 6.59 -8.79
N HIS B 77 -23.71 7.62 -8.55
CA HIS B 77 -23.16 7.93 -7.23
C HIS B 77 -23.35 9.42 -6.86
N GLU B 78 -22.88 9.78 -5.68
CA GLU B 78 -22.91 11.15 -5.18
C GLU B 78 -21.55 11.51 -4.63
N ILE B 79 -21.16 12.76 -4.81
CA ILE B 79 -19.87 13.25 -4.33
C ILE B 79 -20.13 14.51 -3.51
N GLU B 80 -19.80 14.47 -2.22
CA GLU B 80 -20.01 15.59 -1.32
C GLU B 80 -18.76 16.50 -1.32
N THR B 81 -18.98 17.81 -1.44
CA THR B 81 -17.98 18.82 -1.10
C THR B 81 -18.69 20.06 -0.47
N ASN B 82 -17.89 21.13 -0.25
CA ASN B 82 -18.36 22.37 0.39
C ASN B 82 -18.77 23.43 -0.64
N VAL B 83 -19.49 24.46 -0.19
CA VAL B 83 -20.04 25.49 -1.07
C VAL B 83 -18.95 26.28 -1.82
N ASP B 84 -17.77 26.43 -1.23
CA ASP B 84 -16.67 27.17 -1.86
C ASP B 84 -16.06 26.44 -3.05
N ALA B 85 -16.14 25.10 -3.04
CA ALA B 85 -15.56 24.26 -4.08
C ALA B 85 -16.52 24.09 -5.27
N THR B 86 -17.80 23.93 -4.96
CA THR B 86 -18.87 23.95 -5.95
C THR B 86 -18.96 25.30 -6.69
N SER B 87 -18.69 26.40 -5.98
CA SER B 87 -18.71 27.75 -6.56
C SER B 87 -17.49 28.01 -7.45
N THR B 88 -16.38 27.35 -7.12
CA THR B 88 -15.14 27.46 -7.90
C THR B 88 -15.08 26.37 -8.99
N LEU B 89 -16.14 25.56 -9.06
CA LEU B 89 -16.33 24.59 -10.13
C LEU B 89 -16.88 25.25 -11.39
N LEU B 90 -17.81 26.19 -11.18
CA LEU B 90 -18.54 26.85 -12.26
C LEU B 90 -17.87 28.16 -12.68
N SER B 91 -18.30 28.71 -13.82
CA SER B 91 -17.82 30.01 -14.31
C SER B 91 -17.95 31.11 -13.25
N GLU B 92 -17.11 32.14 -13.37
CA GLU B 92 -17.05 33.21 -12.36
C GLU B 92 -18.32 34.05 -12.28
N ASP B 93 -19.07 34.11 -13.38
CA ASP B 93 -20.36 34.80 -13.43
C ASP B 93 -21.47 33.87 -13.97
N HIS B 94 -21.49 32.64 -13.46
CA HIS B 94 -22.56 31.68 -13.75
C HIS B 94 -23.84 32.13 -13.05
N SER B 95 -24.98 31.69 -13.56
CA SER B 95 -26.29 32.02 -12.99
C SER B 95 -26.47 31.68 -11.50
N ALA B 96 -25.77 30.65 -11.02
CA ALA B 96 -26.05 30.06 -9.72
C ALA B 96 -25.12 30.56 -8.62
N GLN B 97 -24.24 31.51 -8.95
CA GLN B 97 -23.34 32.10 -7.96
C GLN B 97 -24.11 32.87 -6.90
N GLU B 98 -25.16 33.58 -7.32
CA GLU B 98 -25.99 34.36 -6.40
C GLU B 98 -26.78 33.47 -5.43
N LYS B 99 -27.21 32.30 -5.91
CA LYS B 99 -27.94 31.32 -5.09
C LYS B 99 -27.01 30.66 -4.06
N LEU B 100 -25.78 30.36 -4.47
CA LEU B 100 -24.79 29.77 -3.58
C LEU B 100 -24.16 30.82 -2.66
N LYS B 101 -24.34 32.09 -3.00
CA LYS B 101 -23.87 33.19 -2.15
C LYS B 101 -24.75 33.30 -0.91
N GLU B 102 -26.06 33.06 -1.08
CA GLU B 102 -27.01 33.09 0.05
C GLU B 102 -26.77 31.93 1.03
N VAL B 103 -26.50 30.74 0.50
CA VAL B 103 -26.22 29.56 1.32
C VAL B 103 -24.86 29.63 2.00
N ARG B 104 -23.98 30.50 1.51
CA ARG B 104 -22.65 30.70 2.11
C ARG B 104 -22.74 31.71 3.25
N GLU B 105 -23.46 32.79 3.01
CA GLU B 105 -23.70 33.81 4.04
C GLU B 105 -24.62 33.27 5.13
N ASP B 106 -25.30 32.16 4.85
CA ASP B 106 -26.15 31.47 5.81
C ASP B 106 -25.30 30.54 6.67
N ASP B 107 -24.39 29.83 6.00
CA ASP B 107 -23.56 28.80 6.61
C ASP B 107 -22.30 28.64 5.76
N ASP B 108 -21.19 29.25 6.22
CA ASP B 108 -19.94 29.25 5.45
C ASP B 108 -19.44 27.84 5.14
N ASP B 109 -19.69 26.92 6.08
CA ASP B 109 -19.26 25.51 6.03
C ASP B 109 -20.26 24.53 5.36
N ALA B 110 -21.27 25.10 4.66
CA ALA B 110 -22.34 24.32 4.02
C ALA B 110 -21.80 23.12 3.23
N GLU B 111 -22.74 22.08 3.08
CA GLU B 111 -22.42 20.84 2.34
C GLU B 111 -23.16 20.68 0.98
N MET B 112 -22.42 20.79 -0.12
CA MET B 112 -22.97 20.46 -1.47
C MET B 112 -22.72 18.99 -1.82
N THR B 113 -23.69 18.35 -2.47
CA THR B 113 -23.46 17.02 -3.04
C THR B 113 -23.80 17.03 -4.53
N HIS B 114 -23.06 16.24 -5.30
CA HIS B 114 -23.04 16.32 -6.75
C HIS B 114 -23.20 14.93 -7.33
N SER B 115 -24.05 14.79 -8.34
CA SER B 115 -24.37 13.49 -8.88
C SER B 115 -23.28 13.06 -9.85
N VAL B 116 -23.03 11.76 -9.92
CA VAL B 116 -21.92 11.21 -10.69
C VAL B 116 -22.40 9.97 -11.44
N ALA B 117 -22.21 9.95 -12.75
CA ALA B 117 -22.61 8.79 -13.54
C ALA B 117 -21.33 8.13 -14.04
N VAL B 118 -21.27 6.81 -13.90
CA VAL B 118 -20.21 6.00 -14.51
C VAL B 118 -20.84 5.11 -15.57
N ASN B 119 -20.14 4.97 -16.70
CA ASN B 119 -20.58 4.09 -17.78
C ASN B 119 -19.37 3.53 -18.53
N ILE B 120 -19.44 2.24 -18.84
CA ILE B 120 -18.34 1.49 -19.42
C ILE B 120 -18.67 1.18 -20.88
N TYR B 121 -17.75 1.48 -21.80
CA TYR B 121 -17.96 1.22 -23.23
C TYR B 121 -17.04 0.06 -23.67
N PRO B 122 -17.62 -1.10 -23.98
CA PRO B 122 -16.81 -2.24 -24.42
C PRO B 122 -15.84 -1.89 -25.56
N ALA B 123 -14.71 -2.59 -25.53
CA ALA B 123 -13.64 -2.41 -26.48
C ALA B 123 -14.09 -2.77 -27.87
N THR B 124 -13.29 -2.38 -28.84
CA THR B 124 -13.61 -2.55 -30.26
C THR B 124 -12.30 -2.57 -31.03
N ALA B 125 -12.32 -3.07 -32.26
CA ALA B 125 -11.15 -3.06 -33.14
C ALA B 125 -10.41 -1.73 -33.05
N ARG B 126 -11.17 -0.64 -33.16
CA ARG B 126 -10.61 0.71 -33.17
C ARG B 126 -10.03 1.14 -31.81
N MET B 127 -10.79 0.87 -30.75
CA MET B 127 -10.48 1.43 -29.43
C MET B 127 -10.80 0.49 -28.26
N PRO B 128 -9.99 0.54 -27.22
CA PRO B 128 -10.21 -0.29 -26.03
C PRO B 128 -11.39 0.16 -25.17
N GLN B 129 -11.64 -0.59 -24.12
CA GLN B 129 -12.63 -0.26 -23.12
C GLN B 129 -12.39 1.13 -22.52
N LEU B 130 -13.39 1.99 -22.61
CA LEU B 130 -13.39 3.32 -22.04
C LEU B 130 -14.40 3.35 -20.92
N THR B 131 -14.04 3.91 -19.78
CA THR B 131 -14.97 4.14 -18.68
C THR B 131 -15.09 5.65 -18.52
N ILE B 132 -16.32 6.16 -18.63
CA ILE B 132 -16.57 7.59 -18.70
C ILE B 132 -17.39 8.05 -17.49
N VAL B 133 -16.83 9.03 -16.76
CA VAL B 133 -17.39 9.54 -15.49
C VAL B 133 -17.81 11.01 -15.65
N VAL B 134 -19.07 11.28 -15.34
CA VAL B 134 -19.70 12.59 -15.61
C VAL B 134 -20.27 13.15 -14.32
N VAL B 135 -19.83 14.33 -13.95
CA VAL B 135 -20.26 14.98 -12.73
C VAL B 135 -21.23 16.11 -13.07
N ASP B 136 -22.38 16.14 -12.42
CA ASP B 136 -23.29 17.28 -12.49
C ASP B 136 -22.67 18.40 -11.66
N THR B 137 -22.37 19.53 -12.28
CA THR B 137 -21.63 20.63 -11.62
C THR B 137 -22.52 21.65 -10.89
N ILE B 138 -23.85 21.45 -11.01
CA ILE B 138 -24.77 22.12 -10.11
C ILE B 138 -25.31 21.07 -9.12
N PRO B 139 -25.14 21.31 -7.81
CA PRO B 139 -25.45 20.29 -6.79
C PRO B 139 -26.95 20.00 -6.72
N ILE B 140 -27.32 18.91 -6.04
CA ILE B 140 -28.74 18.58 -5.87
C ILE B 140 -29.46 19.55 -4.91
N GLU B 141 -28.70 20.34 -4.16
CA GLU B 141 -29.26 21.32 -3.21
C GLU B 141 -29.99 22.49 -3.91
N LEU B 142 -29.60 22.80 -5.15
CA LEU B 142 -30.21 23.90 -5.92
C LEU B 142 -31.33 23.46 -6.87
N LYS B 143 -31.80 22.23 -6.72
CA LYS B 143 -32.83 21.67 -7.60
C LYS B 143 -34.20 21.71 -6.93
N MET C 1 -6.26 7.91 5.62
CA MET C 1 -7.38 8.16 6.59
C MET C 1 -6.85 8.69 7.91
N ASP C 2 -7.78 9.09 8.77
CA ASP C 2 -7.47 9.52 10.13
C ASP C 2 -6.72 8.40 10.86
N LYS C 3 -5.66 8.76 11.58
CA LYS C 3 -4.78 7.76 12.20
C LYS C 3 -5.34 7.27 13.52
N THR C 4 -6.03 8.16 14.23
CA THR C 4 -6.66 7.80 15.49
C THR C 4 -7.77 6.75 15.28
N THR C 5 -8.48 6.89 14.17
CA THR C 5 -9.58 6.02 13.82
C THR C 5 -9.07 4.62 13.47
N PHE C 6 -8.04 4.57 12.64
CA PHE C 6 -7.40 3.31 12.30
C PHE C 6 -6.97 2.56 13.55
N ARG C 7 -6.20 3.23 14.41
CA ARG C 7 -5.68 2.61 15.64
C ARG C 7 -6.83 2.16 16.54
N LEU C 8 -7.86 2.98 16.67
CA LEU C 8 -8.99 2.65 17.53
C LEU C 8 -9.70 1.37 17.05
N LEU C 9 -10.06 1.34 15.77
CA LEU C 9 -10.96 0.33 15.23
C LEU C 9 -10.25 -0.99 14.98
N ARG C 10 -9.05 -0.93 14.39
CA ARG C 10 -8.23 -2.10 14.24
C ARG C 10 -7.78 -2.68 15.59
N GLY C 11 -7.33 -1.82 16.49
CA GLY C 11 -6.95 -2.27 17.82
C GLY C 11 -8.10 -3.03 18.51
N GLU C 12 -9.31 -2.51 18.37
CA GLU C 12 -10.46 -3.11 19.01
C GLU C 12 -10.75 -4.46 18.33
N SER C 13 -10.61 -4.49 17.01
CA SER C 13 -10.84 -5.71 16.25
C SER C 13 -9.88 -6.83 16.64
N ASN C 14 -8.62 -6.49 16.80
CA ASN C 14 -7.61 -7.48 17.17
C ASN C 14 -7.86 -7.95 18.58
N LEU C 15 -8.26 -7.02 19.43
CA LEU C 15 -8.59 -7.33 20.83
C LEU C 15 -9.71 -8.35 20.89
N PHE C 16 -10.74 -8.13 20.10
CA PHE C 16 -11.87 -9.04 20.12
C PHE C 16 -11.47 -10.38 19.55
N TYR C 17 -10.53 -10.38 18.62
CA TYR C 17 -10.03 -11.64 18.08
C TYR C 17 -9.36 -12.46 19.20
N THR C 18 -8.56 -11.81 20.02
CA THR C 18 -7.88 -12.50 21.13
C THR C 18 -8.83 -13.01 22.22
N LEU C 19 -10.00 -12.39 22.33
CA LEU C 19 -10.95 -12.73 23.37
C LEU C 19 -11.99 -13.73 22.89
N ALA C 20 -11.98 -14.04 21.60
CA ALA C 20 -12.94 -14.99 21.04
C ALA C 20 -12.47 -16.42 21.28
N LYS C 21 -13.41 -17.27 21.69
CA LYS C 21 -13.22 -18.73 21.76
C LYS C 21 -14.29 -19.39 20.90
N TRP C 22 -13.94 -20.50 20.27
CA TRP C 22 -14.87 -21.25 19.43
C TRP C 22 -15.09 -22.60 20.11
N GLU C 23 -16.30 -22.83 20.60
CA GLU C 23 -16.67 -24.07 21.29
C GLU C 23 -18.07 -24.48 20.88
N ASN C 24 -18.27 -25.79 20.66
CA ASN C 24 -19.58 -26.35 20.33
C ASN C 24 -20.20 -25.67 19.12
N ASN C 25 -19.38 -25.52 18.07
CA ASN C 25 -19.82 -24.87 16.84
C ASN C 25 -20.50 -23.53 17.17
N LYS C 26 -19.79 -22.69 17.92
CA LYS C 26 -20.35 -21.44 18.43
C LYS C 26 -19.27 -20.50 18.98
N ILE C 27 -19.41 -19.20 18.73
CA ILE C 27 -18.45 -18.25 19.26
C ILE C 27 -18.92 -17.64 20.59
N SER C 28 -17.98 -17.54 21.53
CA SER C 28 -18.14 -16.72 22.73
C SER C 28 -16.93 -15.82 22.92
N VAL C 29 -17.11 -14.76 23.68
CA VAL C 29 -16.08 -13.73 23.86
C VAL C 29 -15.87 -13.54 25.33
N GLU C 30 -14.60 -13.60 25.75
CA GLU C 30 -14.23 -13.33 27.13
C GLU C 30 -14.30 -11.83 27.40
N LEU C 31 -14.82 -11.47 28.57
CA LEU C 31 -14.66 -10.15 29.17
C LEU C 31 -13.38 -10.15 30.01
N PRO C 32 -12.36 -9.42 29.60
CA PRO C 32 -11.08 -9.45 30.30
C PRO C 32 -11.05 -8.65 31.60
N GLU C 33 -10.21 -9.12 32.51
CA GLU C 33 -9.86 -8.40 33.72
C GLU C 33 -9.23 -7.04 33.42
N ASN C 34 -9.26 -6.16 34.41
CA ASN C 34 -8.55 -4.89 34.37
C ASN C 34 -8.77 -4.04 33.11
N LEU C 35 -9.98 -4.11 32.54
CA LEU C 35 -10.35 -3.32 31.36
C LEU C 35 -10.86 -1.93 31.76
N ASP C 36 -10.02 -0.91 31.62
CA ASP C 36 -10.30 0.41 32.21
C ASP C 36 -11.44 1.20 31.52
N MET C 37 -11.13 1.95 30.47
CA MET C 37 -12.16 2.60 29.65
C MET C 37 -12.79 1.55 28.74
N GLN C 38 -14.08 1.77 28.41
CA GLN C 38 -14.79 0.97 27.42
C GLN C 38 -14.70 1.67 26.05
N SER C 39 -14.10 0.99 25.07
CA SER C 39 -14.02 1.55 23.72
C SER C 39 -15.41 2.04 23.29
N PRO C 40 -15.49 3.21 22.65
CA PRO C 40 -16.76 3.70 22.13
C PRO C 40 -16.85 3.12 20.71
N THR C 41 -17.14 1.81 20.68
CA THR C 41 -17.22 1.00 19.48
C THR C 41 -18.25 -0.10 19.69
N MET C 42 -18.80 -0.59 18.60
CA MET C 42 -19.66 -1.76 18.59
C MET C 42 -19.06 -2.78 17.62
N THR C 43 -18.79 -3.98 18.12
CA THR C 43 -18.16 -5.05 17.35
C THR C 43 -19.17 -6.13 16.94
N LEU C 44 -19.07 -6.55 15.69
CA LEU C 44 -19.83 -7.67 15.15
C LEU C 44 -18.82 -8.71 14.68
N ILE C 45 -19.16 -10.00 14.80
CA ILE C 45 -18.31 -11.08 14.31
C ILE C 45 -19.10 -11.95 13.32
N TYR C 46 -18.52 -12.21 12.15
CA TYR C 46 -19.15 -12.98 11.08
C TYR C 46 -18.29 -14.18 10.71
N ASP C 47 -18.92 -15.21 10.12
CA ASP C 47 -18.20 -16.36 9.58
C ASP C 47 -17.96 -16.16 8.09
N GLU C 48 -17.30 -17.14 7.44
CA GLU C 48 -16.95 -17.04 6.02
C GLU C 48 -18.16 -16.77 5.10
N THR C 49 -19.35 -17.18 5.55
CA THR C 49 -20.59 -17.06 4.77
C THR C 49 -21.17 -15.65 4.71
N GLY C 50 -20.98 -14.88 5.79
CA GLY C 50 -21.68 -13.62 5.98
C GLY C 50 -22.75 -13.69 7.08
N LYS C 51 -22.84 -14.85 7.73
CA LYS C 51 -23.77 -15.05 8.85
C LYS C 51 -23.22 -14.40 10.11
N LEU C 52 -24.06 -13.62 10.78
CA LEU C 52 -23.71 -13.02 12.05
C LEU C 52 -23.54 -14.11 13.12
N LEU C 53 -22.37 -14.15 13.75
CA LEU C 53 -22.04 -15.12 14.80
C LEU C 53 -22.09 -14.56 16.21
N TRP C 54 -21.90 -13.25 16.36
CA TRP C 54 -21.81 -12.60 17.66
C TRP C 54 -21.91 -11.10 17.45
N THR C 55 -22.86 -10.48 18.12
CA THR C 55 -23.03 -9.04 18.06
C THR C 55 -22.93 -8.47 19.46
N GLN C 56 -22.25 -7.33 19.58
CA GLN C 56 -21.99 -6.73 20.87
C GLN C 56 -23.27 -6.11 21.42
N ARG C 57 -24.04 -5.48 20.55
CA ARG C 57 -25.40 -4.97 20.85
C ARG C 57 -26.32 -5.20 19.65
N ASN C 58 -27.56 -5.62 19.90
CA ASN C 58 -28.51 -5.79 18.81
C ASN C 58 -29.13 -4.46 18.44
N ILE C 59 -28.61 -3.86 17.39
CA ILE C 59 -29.19 -2.68 16.79
C ILE C 59 -29.55 -3.06 15.36
N PRO C 60 -30.79 -3.49 15.13
CA PRO C 60 -31.22 -3.95 13.81
C PRO C 60 -30.78 -3.06 12.65
N TRP C 61 -30.95 -1.75 12.78
CA TRP C 61 -30.68 -0.84 11.66
C TRP C 61 -29.23 -0.84 11.25
N LEU C 62 -28.34 -0.87 12.24
CA LEU C 62 -26.90 -0.87 12.00
C LEU C 62 -26.40 -2.19 11.43
N ILE C 63 -26.97 -3.31 11.87
CA ILE C 63 -26.60 -4.62 11.34
C ILE C 63 -27.01 -4.75 9.87
N LYS C 64 -28.14 -4.14 9.50
CA LYS C 64 -28.58 -4.11 8.11
C LYS C 64 -27.79 -3.10 7.28
N SER C 65 -27.12 -2.17 7.95
CA SER C 65 -26.28 -1.18 7.27
C SER C 65 -24.95 -1.76 6.82
N ILE C 66 -24.57 -2.90 7.40
CA ILE C 66 -23.29 -3.53 7.07
C ILE C 66 -23.48 -4.38 5.82
N GLN C 67 -23.06 -3.82 4.69
CA GLN C 67 -23.31 -4.40 3.39
C GLN C 67 -22.51 -5.68 3.22
N PRO C 68 -23.11 -6.73 2.68
CA PRO C 68 -22.42 -8.02 2.57
C PRO C 68 -21.12 -7.95 1.76
N GLU C 69 -21.08 -7.11 0.72
CA GLU C 69 -19.86 -6.93 -0.08
C GLU C 69 -18.67 -6.43 0.75
N TRP C 70 -18.95 -5.65 1.79
CA TRP C 70 -17.90 -5.18 2.72
C TRP C 70 -17.17 -6.34 3.37
N LEU C 71 -17.91 -7.39 3.71
CA LEU C 71 -17.39 -8.56 4.42
C LEU C 71 -16.34 -9.40 3.68
N LYS C 72 -16.11 -9.12 2.40
CA LYS C 72 -15.23 -9.95 1.57
C LYS C 72 -13.77 -9.49 1.49
N THR C 73 -13.45 -8.28 1.95
CA THR C 73 -12.05 -7.83 2.03
C THR C 73 -11.80 -7.06 3.30
N ASN C 74 -10.53 -6.80 3.60
CA ASN C 74 -10.18 -5.88 4.66
C ASN C 74 -10.34 -4.47 4.12
N GLY C 75 -11.19 -3.67 4.74
CA GLY C 75 -11.32 -2.27 4.37
C GLY C 75 -12.09 -1.39 5.33
N PHE C 76 -12.09 -0.10 5.03
CA PHE C 76 -12.77 0.88 5.83
C PHE C 76 -13.93 1.51 5.06
N HIS C 77 -15.07 1.63 5.72
CA HIS C 77 -16.28 2.20 5.14
C HIS C 77 -16.92 3.23 6.08
N GLU C 78 -18.03 3.80 5.63
CA GLU C 78 -18.81 4.73 6.44
C GLU C 78 -20.30 4.51 6.25
N ILE C 79 -21.05 4.66 7.35
CA ILE C 79 -22.50 4.63 7.32
C ILE C 79 -23.04 6.03 7.60
N GLU C 80 -23.70 6.64 6.62
CA GLU C 80 -24.40 7.91 6.80
C GLU C 80 -25.75 7.61 7.46
N THR C 81 -26.04 8.26 8.57
CA THR C 81 -27.31 8.10 9.28
C THR C 81 -27.78 9.46 9.82
N ASN C 82 -28.76 9.46 10.72
CA ASN C 82 -29.28 10.69 11.33
C ASN C 82 -29.09 10.71 12.84
N VAL C 83 -29.38 11.84 13.47
CA VAL C 83 -29.08 12.05 14.90
C VAL C 83 -29.79 11.08 15.84
N ASP C 84 -31.06 10.74 15.55
CA ASP C 84 -31.81 9.80 16.39
C ASP C 84 -31.20 8.39 16.40
N ALA C 85 -30.78 7.91 15.24
CA ALA C 85 -30.07 6.63 15.11
C ALA C 85 -28.69 6.63 15.82
N THR C 86 -27.98 7.74 15.77
CA THR C 86 -26.69 7.84 16.47
C THR C 86 -26.86 7.80 17.99
N SER C 87 -27.96 8.36 18.49
CA SER C 87 -28.22 8.36 19.92
C SER C 87 -28.45 6.92 20.39
N THR C 88 -28.99 6.09 19.49
CA THR C 88 -29.18 4.66 19.74
C THR C 88 -27.86 3.89 19.95
N LEU C 89 -26.76 4.35 19.37
CA LEU C 89 -25.46 3.66 19.47
C LEU C 89 -24.67 3.96 20.74
N LEU C 90 -24.99 5.08 21.39
CA LEU C 90 -24.25 5.55 22.55
C LEU C 90 -25.05 5.29 23.79
N SER C 91 -24.38 5.05 24.92
CA SER C 91 -25.09 4.88 26.19
C SER C 91 -25.79 6.18 26.56
N GLU C 92 -26.94 6.08 27.22
CA GLU C 92 -27.71 7.26 27.63
C GLU C 92 -26.91 8.21 28.52
N ASP C 93 -25.87 7.69 29.17
CA ASP C 93 -25.08 8.47 30.12
C ASP C 93 -23.86 9.16 29.49
N HIS C 94 -23.44 8.70 28.31
CA HIS C 94 -22.29 9.28 27.61
C HIS C 94 -22.52 10.75 27.27
N SER C 95 -21.45 11.53 27.40
CA SER C 95 -21.52 12.99 27.34
C SER C 95 -21.71 13.58 25.95
N ALA C 96 -21.56 12.75 24.91
CA ALA C 96 -21.84 13.19 23.54
C ALA C 96 -23.34 13.12 23.21
N GLN C 97 -24.11 12.45 24.06
CA GLN C 97 -25.58 12.52 24.00
C GLN C 97 -26.09 13.95 24.16
N GLU C 98 -25.34 14.80 24.86
CA GLU C 98 -25.72 16.20 25.05
C GLU C 98 -25.25 17.05 23.86
N LYS C 99 -24.15 16.65 23.23
CA LYS C 99 -23.78 17.24 21.95
C LYS C 99 -24.84 16.90 20.88
N LEU C 100 -25.36 15.68 20.89
CA LEU C 100 -26.42 15.25 19.97
C LEU C 100 -27.72 16.02 20.20
N LYS C 101 -27.99 16.36 21.45
CA LYS C 101 -29.15 17.16 21.82
C LYS C 101 -29.03 18.58 21.27
N GLU C 102 -27.81 19.12 21.27
CA GLU C 102 -27.53 20.45 20.75
C GLU C 102 -27.55 20.51 19.21
N VAL C 103 -27.25 19.39 18.56
CA VAL C 103 -27.36 19.29 17.11
C VAL C 103 -28.83 19.22 16.73
N ARG C 104 -29.62 18.51 17.53
CA ARG C 104 -31.02 18.23 17.19
C ARG C 104 -31.88 19.49 17.17
N GLU C 105 -31.43 20.54 17.84
CA GLU C 105 -32.13 21.83 17.84
C GLU C 105 -31.52 22.82 16.84
N ASP C 106 -30.21 22.79 16.67
CA ASP C 106 -29.55 23.65 15.67
C ASP C 106 -30.03 23.29 14.26
N ASP C 107 -30.04 21.99 13.95
CA ASP C 107 -30.49 21.50 12.64
C ASP C 107 -31.20 20.14 12.75
N ASP C 108 -32.51 20.23 12.96
CA ASP C 108 -33.46 19.13 12.69
C ASP C 108 -32.85 17.93 11.94
N ASP C 109 -32.59 18.09 10.65
CA ASP C 109 -32.22 16.97 9.76
C ASP C 109 -30.70 16.78 9.53
N ALA C 110 -29.89 16.93 10.59
CA ALA C 110 -28.44 16.81 10.45
C ALA C 110 -28.03 15.36 10.21
N GLU C 111 -27.09 15.16 9.29
CA GLU C 111 -26.56 13.82 9.01
C GLU C 111 -25.29 13.51 9.83
N MET C 112 -25.24 12.28 10.35
CA MET C 112 -24.11 11.78 11.12
C MET C 112 -23.46 10.62 10.38
N THR C 113 -22.13 10.53 10.46
CA THR C 113 -21.38 9.51 9.75
C THR C 113 -20.53 8.69 10.70
N HIS C 114 -20.65 7.36 10.64
CA HIS C 114 -19.86 6.47 11.47
C HIS C 114 -18.87 5.66 10.65
N SER C 115 -17.63 5.61 11.12
CA SER C 115 -16.58 4.81 10.49
C SER C 115 -16.79 3.32 10.83
N VAL C 116 -16.40 2.45 9.92
CA VAL C 116 -16.60 1.01 10.05
C VAL C 116 -15.35 0.31 9.54
N ALA C 117 -14.84 -0.67 10.28
CA ALA C 117 -13.62 -1.36 9.89
C ALA C 117 -13.83 -2.89 9.86
N VAL C 118 -13.40 -3.49 8.76
CA VAL C 118 -13.53 -4.93 8.52
C VAL C 118 -12.12 -5.52 8.46
N ASN C 119 -11.83 -6.52 9.30
CA ASN C 119 -10.59 -7.28 9.23
C ASN C 119 -10.86 -8.78 9.31
N ILE C 120 -10.18 -9.53 8.45
CA ILE C 120 -10.39 -10.97 8.33
C ILE C 120 -9.22 -11.69 9.01
N TYR C 121 -9.55 -12.65 9.87
CA TYR C 121 -8.57 -13.42 10.62
C TYR C 121 -8.66 -14.83 10.06
N PRO C 122 -7.65 -15.24 9.28
CA PRO C 122 -7.64 -16.56 8.63
C PRO C 122 -7.84 -17.72 9.59
N ALA C 123 -8.42 -18.81 9.08
CA ALA C 123 -8.67 -19.99 9.91
C ALA C 123 -7.35 -20.57 10.41
N THR C 124 -7.36 -20.91 11.69
CA THR C 124 -6.22 -21.46 12.41
C THR C 124 -6.67 -22.84 12.92
N ALA C 125 -5.79 -23.62 13.54
CA ALA C 125 -6.13 -24.96 14.01
C ALA C 125 -7.40 -25.02 14.88
N ARG C 126 -7.57 -24.08 15.81
CA ARG C 126 -8.68 -24.09 16.78
C ARG C 126 -9.78 -23.06 16.49
N MET C 127 -9.81 -22.51 15.30
CA MET C 127 -10.72 -21.40 14.99
C MET C 127 -10.90 -21.24 13.50
N PRO C 128 -12.15 -21.19 13.04
CA PRO C 128 -12.43 -20.93 11.63
C PRO C 128 -12.21 -19.46 11.28
N GLN C 129 -12.23 -19.15 9.98
CA GLN C 129 -12.08 -17.79 9.50
C GLN C 129 -13.08 -16.84 10.16
N LEU C 130 -12.56 -15.78 10.75
CA LEU C 130 -13.38 -14.84 11.53
C LEU C 130 -13.30 -13.49 10.84
N THR C 131 -14.45 -12.93 10.50
CA THR C 131 -14.51 -11.58 9.95
C THR C 131 -15.12 -10.62 10.98
N ILE C 132 -14.30 -9.71 11.49
CA ILE C 132 -14.73 -8.80 12.54
C ILE C 132 -14.95 -7.38 12.01
N VAL C 133 -16.06 -6.80 12.42
CA VAL C 133 -16.47 -5.48 12.01
C VAL C 133 -16.63 -4.62 13.24
N VAL C 134 -15.94 -3.48 13.27
CA VAL C 134 -15.99 -2.58 14.40
C VAL C 134 -16.55 -1.25 13.92
N VAL C 135 -17.57 -0.76 14.59
CA VAL C 135 -18.14 0.54 14.30
C VAL C 135 -17.73 1.55 15.36
N ASP C 136 -17.20 2.68 14.93
CA ASP C 136 -16.99 3.85 15.76
C ASP C 136 -18.37 4.47 16.09
N THR C 137 -18.74 4.52 17.37
CA THR C 137 -20.06 4.99 17.78
C THR C 137 -20.20 6.51 17.93
N ILE C 138 -19.09 7.24 17.94
CA ILE C 138 -19.10 8.69 17.92
C ILE C 138 -18.98 9.10 16.46
N PRO C 139 -19.93 9.86 15.93
CA PRO C 139 -19.90 10.18 14.51
C PRO C 139 -18.82 11.21 14.27
N ILE C 140 -18.24 11.17 13.07
CA ILE C 140 -17.14 12.04 12.70
C ILE C 140 -17.52 13.51 12.89
N GLU C 141 -18.79 13.85 12.66
CA GLU C 141 -19.28 15.22 12.75
C GLU C 141 -19.09 15.83 14.14
N LEU C 142 -18.96 14.97 15.16
CA LEU C 142 -18.77 15.41 16.54
C LEU C 142 -17.40 15.10 17.10
N LYS C 143 -16.46 14.67 16.28
CA LYS C 143 -15.14 14.36 16.79
C LYS C 143 -14.54 15.51 17.58
N ARG C 144 -14.61 16.72 17.03
CA ARG C 144 -13.79 17.84 17.50
C ARG C 144 -14.56 18.82 18.35
N SER C 145 -13.86 19.46 19.28
CA SER C 145 -14.43 20.42 20.21
C SER C 145 -14.59 21.83 19.59
N TYR C 146 -13.94 22.07 18.46
CA TYR C 146 -14.06 23.36 17.77
C TYR C 146 -13.72 23.25 16.30
N MET C 147 -14.02 24.31 15.55
CA MET C 147 -13.74 24.39 14.12
C MET C 147 -12.86 25.62 13.88
N HIS C 148 -11.71 25.39 13.23
CA HIS C 148 -10.78 26.47 12.90
C HIS C 148 -11.47 27.55 12.07
N HIS C 149 -11.06 28.80 12.27
CA HIS C 149 -11.60 29.88 11.46
C HIS C 149 -10.43 30.66 10.84
N HIS C 150 -10.50 30.86 9.52
CA HIS C 150 -9.36 31.40 8.76
C HIS C 150 -9.32 32.93 8.85
N HIS C 151 -8.46 33.40 9.74
CA HIS C 151 -8.27 34.81 10.02
C HIS C 151 -7.03 35.31 9.28
N HIS C 152 -7.17 36.45 8.60
CA HIS C 152 -6.06 37.13 7.95
C HIS C 152 -5.79 38.47 8.63
N HIS C 153 -4.52 38.86 8.74
CA HIS C 153 -4.11 40.12 9.38
C HIS C 153 -2.86 40.71 8.75
N ASP D 2 1.32 -16.09 -2.41
CA ASP D 2 0.03 -16.20 -3.14
C ASP D 2 -1.14 -16.17 -2.15
N LYS D 3 -2.08 -17.11 -2.23
CA LYS D 3 -3.24 -17.11 -1.34
C LYS D 3 -3.09 -18.10 -0.18
N THR D 4 -2.60 -19.31 -0.49
CA THR D 4 -2.52 -20.38 0.51
C THR D 4 -1.49 -20.10 1.62
N THR D 5 -0.33 -19.55 1.23
CA THR D 5 0.72 -19.23 2.20
C THR D 5 0.35 -18.01 3.04
N PHE D 6 -0.47 -17.13 2.48
CA PHE D 6 -0.93 -15.96 3.23
C PHE D 6 -1.78 -16.41 4.42
N ARG D 7 -2.77 -17.26 4.16
CA ARG D 7 -3.60 -17.78 5.22
C ARG D 7 -2.74 -18.46 6.30
N LEU D 8 -1.62 -19.05 5.91
CA LEU D 8 -0.79 -19.80 6.86
C LEU D 8 0.07 -18.88 7.73
N LEU D 9 0.77 -17.93 7.10
CA LEU D 9 1.73 -17.06 7.81
C LEU D 9 1.03 -15.99 8.63
N ARG D 10 -0.10 -15.50 8.12
CA ARG D 10 -0.93 -14.51 8.82
C ARG D 10 -1.71 -15.13 9.97
N GLY D 11 -2.27 -16.32 9.74
CA GLY D 11 -2.95 -17.05 10.81
C GLY D 11 -2.00 -17.27 11.97
N GLU D 12 -0.78 -17.68 11.64
CA GLU D 12 0.28 -17.91 12.62
C GLU D 12 0.63 -16.61 13.39
N SER D 13 0.85 -15.52 12.66
CA SER D 13 1.20 -14.22 13.25
C SER D 13 0.10 -13.70 14.21
N ASN D 14 -1.16 -13.90 13.82
CA ASN D 14 -2.32 -13.57 14.66
C ASN D 14 -2.36 -14.42 15.92
N LEU D 15 -2.00 -15.69 15.78
CA LEU D 15 -2.01 -16.66 16.88
C LEU D 15 -1.02 -16.25 17.96
N PHE D 16 0.13 -15.73 17.52
CA PHE D 16 1.15 -15.27 18.46
C PHE D 16 0.75 -13.93 19.08
N TYR D 17 -0.03 -13.13 18.34
CA TYR D 17 -0.58 -11.91 18.90
C TYR D 17 -1.53 -12.22 20.08
N THR D 18 -2.31 -13.30 19.95
CA THR D 18 -3.17 -13.74 21.05
C THR D 18 -2.32 -14.17 22.24
N LEU D 19 -1.22 -14.88 21.96
CA LEU D 19 -0.37 -15.47 22.99
C LEU D 19 0.60 -14.47 23.64
N ALA D 20 0.70 -13.28 23.08
CA ALA D 20 1.60 -12.27 23.61
C ALA D 20 0.95 -11.52 24.78
N LYS D 21 1.73 -11.29 25.83
CA LYS D 21 1.30 -10.55 27.00
C LYS D 21 2.36 -9.51 27.39
N TRP D 22 1.90 -8.32 27.80
CA TRP D 22 2.78 -7.23 28.20
C TRP D 22 2.66 -7.00 29.70
N GLU D 23 3.61 -7.55 30.46
CA GLU D 23 3.65 -7.39 31.91
C GLU D 23 5.04 -6.95 32.36
N ASN D 24 5.08 -5.97 33.28
CA ASN D 24 6.32 -5.36 33.74
C ASN D 24 7.11 -4.69 32.60
N ASN D 25 6.39 -4.01 31.70
CA ASN D 25 6.98 -3.29 30.58
C ASN D 25 7.87 -4.15 29.66
N LYS D 26 7.52 -5.44 29.56
CA LYS D 26 8.29 -6.39 28.76
C LYS D 26 7.42 -7.53 28.26
N ILE D 27 7.73 -8.05 27.08
CA ILE D 27 6.90 -9.08 26.44
C ILE D 27 7.18 -10.48 26.98
N SER D 28 6.18 -11.35 26.86
CA SER D 28 6.32 -12.76 27.23
C SER D 28 5.31 -13.61 26.45
N VAL D 29 5.82 -14.50 25.60
CA VAL D 29 4.98 -15.38 24.79
C VAL D 29 5.03 -16.80 25.37
N GLU D 30 3.86 -17.40 25.60
CA GLU D 30 3.77 -18.76 26.14
C GLU D 30 3.36 -19.74 25.04
N LEU D 31 4.04 -20.89 25.01
CA LEU D 31 3.78 -21.92 24.01
C LEU D 31 4.02 -23.31 24.61
N PRO D 40 5.06 -25.31 10.16
CA PRO D 40 6.54 -25.20 9.91
C PRO D 40 6.91 -23.75 9.65
N THR D 41 6.92 -22.96 10.72
CA THR D 41 7.25 -21.54 10.67
C THR D 41 8.11 -21.19 11.88
N MET D 42 8.69 -19.97 11.80
CA MET D 42 9.31 -19.33 12.96
C MET D 42 8.80 -17.89 13.06
N THR D 43 8.46 -17.45 14.27
CA THR D 43 7.89 -16.14 14.48
C THR D 43 8.81 -15.25 15.32
N LEU D 44 9.02 -14.02 14.86
CA LEU D 44 9.72 -12.99 15.61
C LEU D 44 8.80 -11.82 15.89
N ILE D 45 9.01 -11.16 17.04
CA ILE D 45 8.20 -10.02 17.45
C ILE D 45 9.10 -8.83 17.75
N TYR D 46 8.76 -7.69 17.18
CA TYR D 46 9.51 -6.44 17.34
C TYR D 46 8.68 -5.35 18.01
N ASP D 47 9.34 -4.23 18.34
CA ASP D 47 8.68 -3.01 18.83
C ASP D 47 8.70 -1.91 17.76
N GLU D 48 8.08 -0.78 18.09
CA GLU D 48 7.85 0.31 17.15
C GLU D 48 9.14 0.92 16.62
N THR D 49 10.19 0.90 17.43
CA THR D 49 11.50 1.44 17.04
C THR D 49 12.22 0.56 16.03
N GLY D 50 11.85 -0.73 16.00
CA GLY D 50 12.45 -1.71 15.11
C GLY D 50 13.31 -2.77 15.82
N LYS D 51 13.44 -2.66 17.15
CA LYS D 51 14.18 -3.62 17.97
C LYS D 51 13.41 -4.93 18.15
N LEU D 52 14.14 -6.05 18.29
CA LEU D 52 13.54 -7.37 18.43
C LEU D 52 13.30 -7.71 19.89
N LEU D 53 12.05 -8.02 20.25
CA LEU D 53 11.64 -8.30 21.63
C LEU D 53 11.54 -9.79 22.00
N TRP D 54 11.37 -10.65 21.00
CA TRP D 54 11.20 -12.09 21.21
C TRP D 54 11.30 -12.85 19.89
N THR D 55 12.01 -13.98 19.90
CA THR D 55 12.04 -14.85 18.73
C THR D 55 11.84 -16.31 19.12
N GLN D 56 11.17 -17.06 18.25
CA GLN D 56 10.78 -18.44 18.53
C GLN D 56 11.99 -19.39 18.56
N ARG D 57 13.09 -18.96 17.94
CA ARG D 57 14.32 -19.72 17.89
C ARG D 57 15.49 -18.88 18.46
N ASN D 58 16.67 -18.98 17.84
CA ASN D 58 17.79 -18.08 18.13
C ASN D 58 18.80 -18.16 16.98
N ILE D 59 18.31 -17.94 15.76
CA ILE D 59 19.08 -18.14 14.53
C ILE D 59 19.56 -16.80 13.96
N PRO D 60 20.85 -16.51 14.06
CA PRO D 60 21.37 -15.17 13.76
C PRO D 60 21.24 -14.77 12.29
N TRP D 61 21.39 -15.72 11.36
CA TRP D 61 21.26 -15.40 9.94
C TRP D 61 19.83 -15.03 9.52
N LEU D 62 18.83 -15.63 10.16
CA LEU D 62 17.43 -15.34 9.84
C LEU D 62 17.07 -13.95 10.34
N ILE D 63 17.42 -13.69 11.60
CA ILE D 63 17.23 -12.40 12.25
C ILE D 63 17.80 -11.24 11.43
N LYS D 64 18.96 -11.46 10.82
CA LYS D 64 19.65 -10.43 10.04
C LYS D 64 18.98 -10.22 8.68
N SER D 65 18.60 -11.32 8.03
CA SER D 65 17.97 -11.25 6.70
C SER D 65 16.68 -10.43 6.68
N ILE D 66 16.06 -10.27 7.86
CA ILE D 66 14.86 -9.44 8.00
C ILE D 66 15.28 -7.96 7.94
N GLN D 67 15.04 -7.37 6.75
CA GLN D 67 15.42 -5.99 6.53
C GLN D 67 14.56 -5.05 7.39
N PRO D 68 15.19 -4.12 8.10
CA PRO D 68 14.47 -3.25 9.05
C PRO D 68 13.43 -2.31 8.42
N GLU D 69 13.53 -2.06 7.10
CA GLU D 69 12.52 -1.29 6.38
C GLU D 69 11.22 -2.09 6.24
N TRP D 70 11.34 -3.42 6.13
CA TRP D 70 10.19 -4.30 6.01
C TRP D 70 9.22 -4.15 7.19
N LEU D 71 9.76 -3.72 8.35
CA LEU D 71 9.00 -3.58 9.59
C LEU D 71 8.06 -2.39 9.64
N LYS D 72 8.34 -1.35 8.87
CA LYS D 72 7.49 -0.15 8.87
C LYS D 72 6.08 -0.40 8.31
N THR D 73 5.92 -1.39 7.42
CA THR D 73 4.62 -1.68 6.82
C THR D 73 4.20 -3.16 6.90
N ASN D 74 2.90 -3.41 6.74
CA ASN D 74 2.42 -4.76 6.48
C ASN D 74 2.84 -5.11 5.06
N GLY D 75 3.32 -6.33 4.87
CA GLY D 75 3.69 -6.78 3.54
C GLY D 75 4.28 -8.17 3.50
N PHE D 76 4.58 -8.62 2.29
CA PHE D 76 5.08 -9.97 2.07
C PHE D 76 6.39 -9.91 1.30
N HIS D 77 7.40 -10.61 1.81
CA HIS D 77 8.75 -10.59 1.26
C HIS D 77 9.33 -11.99 1.05
N GLU D 78 10.56 -12.04 0.52
CA GLU D 78 11.30 -13.29 0.38
C GLU D 78 12.69 -13.11 0.96
N ILE D 79 13.24 -14.18 1.53
CA ILE D 79 14.60 -14.18 2.02
C ILE D 79 15.33 -15.36 1.39
N GLU D 80 16.48 -15.11 0.76
CA GLU D 80 17.25 -16.17 0.11
C GLU D 80 18.36 -16.64 1.07
N THR D 81 18.51 -17.96 1.18
CA THR D 81 19.74 -18.56 1.73
C THR D 81 20.03 -19.94 1.07
N ASN D 82 21.18 -20.52 1.49
CA ASN D 82 21.69 -21.78 0.93
C ASN D 82 20.97 -23.01 1.49
N VAL D 83 21.16 -24.14 0.82
CA VAL D 83 20.46 -25.38 1.15
C VAL D 83 20.86 -25.94 2.52
N ASP D 84 22.09 -25.66 2.96
CA ASP D 84 22.58 -26.15 4.25
C ASP D 84 21.97 -25.40 5.45
N ALA D 85 21.56 -24.16 5.24
CA ALA D 85 20.99 -23.30 6.28
C ALA D 85 19.49 -23.57 6.44
N THR D 86 18.83 -23.89 5.32
CA THR D 86 17.44 -24.33 5.33
C THR D 86 17.30 -25.73 5.96
N SER D 87 18.30 -26.59 5.75
CA SER D 87 18.31 -27.95 6.34
C SER D 87 18.52 -27.88 7.86
N THR D 88 19.32 -26.91 8.30
CA THR D 88 19.62 -26.72 9.72
C THR D 88 18.52 -25.92 10.43
N LEU D 89 17.62 -25.33 9.64
CA LEU D 89 16.47 -24.62 10.17
C LEU D 89 15.41 -25.57 10.73
N LEU D 90 15.18 -26.66 10.01
CA LEU D 90 14.19 -27.66 10.39
C LEU D 90 14.78 -28.68 11.36
N SER D 91 13.90 -29.42 12.04
CA SER D 91 14.31 -30.49 12.96
C SER D 91 15.30 -31.47 12.31
N GLU D 92 16.06 -32.19 13.14
CA GLU D 92 17.13 -33.07 12.66
C GLU D 92 16.62 -34.15 11.71
N ASP D 93 15.55 -34.83 12.11
CA ASP D 93 14.90 -35.86 11.28
C ASP D 93 13.52 -35.38 10.82
N HIS D 94 13.47 -34.20 10.21
CA HIS D 94 12.27 -33.63 9.62
C HIS D 94 11.99 -34.34 8.29
N SER D 95 10.72 -34.35 7.89
CA SER D 95 10.27 -34.99 6.65
C SER D 95 11.12 -34.64 5.41
N ALA D 96 11.25 -33.34 5.15
CA ALA D 96 11.79 -32.85 3.88
C ALA D 96 13.33 -32.78 3.81
N GLN D 97 14.01 -33.36 4.78
CA GLN D 97 15.48 -33.42 4.77
C GLN D 97 15.99 -34.30 3.64
N GLU D 98 15.24 -35.37 3.33
CA GLU D 98 15.59 -36.28 2.22
C GLU D 98 15.45 -35.57 0.87
N LYS D 99 14.50 -34.62 0.78
CA LYS D 99 14.33 -33.80 -0.42
C LYS D 99 15.49 -32.81 -0.57
N LEU D 100 15.88 -32.18 0.53
CA LEU D 100 16.98 -31.20 0.53
C LEU D 100 18.34 -31.88 0.42
N LYS D 101 18.40 -33.17 0.78
CA LYS D 101 19.62 -33.96 0.62
C LYS D 101 19.87 -34.22 -0.87
N GLU D 102 18.78 -34.38 -1.62
CA GLU D 102 18.85 -34.58 -3.07
C GLU D 102 19.33 -33.31 -3.80
N VAL D 103 18.84 -32.16 -3.37
CA VAL D 103 19.23 -30.87 -3.93
C VAL D 103 20.67 -30.51 -3.58
N ARG D 104 21.17 -31.04 -2.46
CA ARG D 104 22.57 -30.82 -2.05
C ARG D 104 23.48 -31.69 -2.91
N GLU D 105 23.03 -32.92 -3.15
CA GLU D 105 23.80 -33.88 -3.96
C GLU D 105 23.93 -33.41 -5.41
N ASP D 106 23.00 -32.57 -5.86
CA ASP D 106 23.03 -32.02 -7.21
C ASP D 106 23.92 -30.77 -7.24
N ASP D 107 23.57 -29.82 -6.38
CA ASP D 107 24.24 -28.53 -6.28
C ASP D 107 24.44 -28.27 -4.79
N ASP D 108 25.67 -28.51 -4.32
CA ASP D 108 26.01 -28.31 -2.90
C ASP D 108 25.61 -26.94 -2.38
N ASP D 109 25.77 -25.92 -3.25
CA ASP D 109 25.53 -24.50 -2.93
C ASP D 109 24.19 -23.96 -3.50
N ALA D 110 23.20 -24.85 -3.65
CA ALA D 110 21.89 -24.46 -4.20
C ALA D 110 21.34 -23.24 -3.43
N GLU D 111 20.49 -22.45 -4.15
CA GLU D 111 19.79 -21.30 -3.54
C GLU D 111 18.31 -21.58 -3.19
N MET D 112 18.00 -21.52 -1.89
CA MET D 112 16.63 -21.60 -1.37
C MET D 112 16.08 -20.21 -1.03
N THR D 113 14.78 -20.00 -1.24
CA THR D 113 14.12 -18.75 -0.85
C THR D 113 12.82 -19.02 -0.05
N HIS D 114 12.68 -18.29 1.06
CA HIS D 114 11.63 -18.51 2.05
C HIS D 114 10.73 -17.29 2.12
N SER D 115 9.43 -17.53 2.27
CA SER D 115 8.49 -16.42 2.26
C SER D 115 8.42 -15.82 3.65
N VAL D 116 8.17 -14.52 3.72
CA VAL D 116 8.16 -13.77 4.98
C VAL D 116 6.93 -12.86 5.00
N ALA D 117 6.24 -12.83 6.13
CA ALA D 117 5.06 -11.97 6.26
C ALA D 117 5.27 -11.06 7.45
N VAL D 118 5.20 -9.74 7.21
CA VAL D 118 5.24 -8.73 8.26
C VAL D 118 3.85 -8.21 8.54
N ASN D 119 3.56 -7.96 9.81
CA ASN D 119 2.26 -7.48 10.24
C ASN D 119 2.34 -6.66 11.50
N ILE D 120 1.62 -5.54 11.50
CA ILE D 120 1.63 -4.57 12.59
C ILE D 120 0.30 -4.59 13.33
N TYR D 121 0.36 -4.64 14.66
CA TYR D 121 -0.84 -4.69 15.50
C TYR D 121 -0.91 -3.39 16.33
N PRO D 122 -1.84 -2.50 16.00
CA PRO D 122 -1.95 -1.21 16.70
C PRO D 122 -1.97 -1.36 18.21
N ALA D 123 -1.33 -0.39 18.84
CA ALA D 123 -1.26 -0.28 20.29
C ALA D 123 -2.64 -0.30 20.87
N THR D 124 -2.70 -0.37 22.20
CA THR D 124 -3.90 -0.76 22.91
C THR D 124 -3.61 -0.50 24.39
N ALA D 125 -4.66 -0.28 25.19
CA ALA D 125 -4.49 -0.05 26.63
C ALA D 125 -3.60 -1.12 27.23
N ARG D 126 -3.93 -2.37 26.90
CA ARG D 126 -3.15 -3.52 27.32
C ARG D 126 -1.66 -3.43 26.88
N MET D 127 -1.40 -3.44 25.58
CA MET D 127 -0.03 -3.40 25.07
C MET D 127 0.21 -2.43 23.91
N PRO D 128 1.47 -2.10 23.67
CA PRO D 128 1.84 -1.22 22.57
C PRO D 128 1.88 -1.93 21.21
N GLN D 129 2.08 -1.14 20.16
CA GLN D 129 2.32 -1.63 18.81
C GLN D 129 3.29 -2.81 18.77
N LEU D 130 2.82 -3.93 18.25
CA LEU D 130 3.63 -5.10 18.02
C LEU D 130 3.73 -5.31 16.52
N THR D 131 4.95 -5.58 16.04
CA THR D 131 5.18 -5.94 14.67
C THR D 131 5.67 -7.39 14.65
N ILE D 132 4.96 -8.23 13.92
CA ILE D 132 5.13 -9.68 13.99
C ILE D 132 5.54 -10.24 12.62
N VAL D 133 6.72 -10.85 12.59
CA VAL D 133 7.32 -11.38 11.35
C VAL D 133 7.43 -12.93 11.38
N VAL D 134 7.02 -13.53 10.27
CA VAL D 134 6.73 -14.97 10.21
C VAL D 134 7.37 -15.55 8.96
N VAL D 135 8.31 -16.43 9.17
CA VAL D 135 9.03 -17.08 8.10
C VAL D 135 8.45 -18.48 7.85
N ASP D 136 8.13 -18.78 6.58
CA ASP D 136 7.81 -20.15 6.18
C ASP D 136 9.17 -20.87 6.11
N THR D 137 9.34 -21.92 6.93
CA THR D 137 10.63 -22.62 7.05
C THR D 137 10.85 -23.69 5.98
N ILE D 138 9.81 -23.99 5.19
CA ILE D 138 10.00 -24.78 3.98
C ILE D 138 10.05 -23.82 2.77
N PRO D 139 11.15 -23.87 2.00
CA PRO D 139 11.37 -22.90 0.92
C PRO D 139 10.39 -23.10 -0.23
N ILE D 140 10.23 -22.11 -1.09
CA ILE D 140 9.26 -22.18 -2.18
C ILE D 140 9.68 -23.20 -3.26
N GLU D 141 10.94 -23.64 -3.23
CA GLU D 141 11.47 -24.61 -4.21
C GLU D 141 10.96 -26.05 -3.99
N LEU D 142 10.34 -26.32 -2.84
CA LEU D 142 9.73 -27.63 -2.54
C LEU D 142 8.21 -27.60 -2.63
N LYS D 143 7.66 -26.73 -3.46
CA LYS D 143 6.20 -26.59 -3.61
C LYS D 143 5.73 -27.02 -5.00
CA CA E . 15.78 -16.25 -6.46
CA CA F . 30.30 -24.71 -15.78
CA CA G . 15.41 -5.42 -6.83
CA CA H . -22.16 14.81 5.04
CA CA I . -25.65 13.61 2.48
CA CA J . -24.53 25.87 17.98
CA CA K . 20.02 -15.08 -5.81
#